data_5MRK
#
_entry.id   5MRK
#
_cell.length_a   144.840
_cell.length_b   52.010
_cell.length_c   84.170
_cell.angle_alpha   90.00
_cell.angle_beta   107.56
_cell.angle_gamma   90.00
#
_symmetry.space_group_name_H-M   'C 1 2 1'
#
loop_
_entity.id
_entity.type
_entity.pdbx_description
1 polymer methyltransferase
2 non-polymer SINEFUNGIN
3 non-polymer 'CHLORIDE ION'
4 water water
#
_entity_poly.entity_id   1
_entity_poly.type   'polypeptide(L)'
_entity_poly.pdbx_seq_one_letter_code
;SGGGTGETLGEKWKARLNQMSALEFYSYKKSGITEVCREEARRALKDGVATGGHAVSRGSAKLRWLVERGYLQPYGKVID
LGCGRGGWSYYAATIRKVQEVKGYTKGGPGHEEPMLVQSYGWNIVRLKSGVDVFHMAAEPCDTLLCDIGESSSSPEVEEA
RTLRVLSMVGDWLEKRPGAFCIKVLCPYTSTMMETLERLQRRYGGGLVRVPLSRNSTHEMYWVSGAKSNTIKSVSTTSQL
LLGRMDGPRRPVKYEEDVNLGSGTR
;
_entity_poly.pdbx_strand_id   A,B
#
loop_
_chem_comp.id
_chem_comp.type
_chem_comp.name
_chem_comp.formula
CL non-polymer 'CHLORIDE ION' 'Cl -1'
SFG non-polymer SINEFUNGIN 'C15 H23 N7 O5'
#
# COMPACT_ATOMS: atom_id res chain seq x y z
N GLY A 6 5.52 9.70 14.54
CA GLY A 6 5.53 8.94 15.77
C GLY A 6 4.24 8.20 16.04
N GLU A 7 3.76 8.27 17.27
CA GLU A 7 2.53 7.61 17.66
C GLU A 7 1.35 8.12 16.84
N THR A 8 0.61 7.20 16.25
CA THR A 8 -0.58 7.56 15.49
C THR A 8 -1.77 7.73 16.43
N LEU A 9 -2.82 8.36 15.90
CA LEU A 9 -4.06 8.52 16.68
C LEU A 9 -4.63 7.17 17.09
N GLY A 10 -4.64 6.20 16.18
CA GLY A 10 -5.16 4.89 16.51
C GLY A 10 -4.35 4.20 17.60
N GLU A 11 -3.03 4.37 17.57
CA GLU A 11 -2.20 3.84 18.65
C GLU A 11 -2.56 4.47 19.98
N LYS A 12 -2.88 5.76 19.98
CA LYS A 12 -3.37 6.41 21.20
C LYS A 12 -4.68 5.78 21.64
N TRP A 13 -5.61 5.60 20.70
CA TRP A 13 -6.86 4.91 20.99
C TRP A 13 -6.60 3.55 21.63
N LYS A 14 -5.69 2.78 21.06
CA LYS A 14 -5.46 1.43 21.57
C LYS A 14 -4.90 1.46 22.97
N ALA A 15 -3.96 2.35 23.24
CA ALA A 15 -3.39 2.45 24.59
C ALA A 15 -4.48 2.81 25.60
N ARG A 16 -5.33 3.78 25.26
CA ARG A 16 -6.39 4.17 26.17
C ARG A 16 -7.39 3.03 26.37
N LEU A 17 -7.71 2.30 25.30
CA LEU A 17 -8.59 1.16 25.43
C LEU A 17 -8.03 0.17 26.46
N ASN A 18 -6.71 -0.02 26.45
CA ASN A 18 -6.04 -0.94 27.36
C ASN A 18 -5.97 -0.40 28.78
N GLN A 19 -6.35 0.85 29.00
CA GLN A 19 -6.34 1.46 30.32
C GLN A 19 -7.73 1.48 30.94
N MET A 20 -8.76 1.06 30.21
CA MET A 20 -10.13 1.08 30.70
C MET A 20 -10.39 -0.05 31.70
N SER A 21 -11.19 0.27 32.71
CA SER A 21 -11.68 -0.76 33.61
C SER A 21 -12.75 -1.60 32.90
N ALA A 22 -13.19 -2.65 33.59
CA ALA A 22 -14.25 -3.48 33.02
C ALA A 22 -15.50 -2.65 32.74
N LEU A 23 -15.83 -1.74 33.66
CA LEU A 23 -17.03 -0.91 33.51
C LEU A 23 -16.86 0.10 32.38
N GLU A 24 -15.72 0.79 32.34
CA GLU A 24 -15.48 1.75 31.27
C GLU A 24 -15.53 1.08 29.91
N PHE A 25 -14.93 -0.10 29.80
CA PHE A 25 -14.90 -0.82 28.53
C PHE A 25 -16.30 -1.24 28.11
N TYR A 26 -17.08 -1.80 29.04
CA TYR A 26 -18.44 -2.23 28.72
C TYR A 26 -19.29 -1.06 28.24
N SER A 27 -19.17 0.10 28.88
CA SER A 27 -19.99 1.23 28.49
C SER A 27 -19.50 1.86 27.18
N TYR A 28 -18.18 1.91 26.97
CA TYR A 28 -17.63 2.51 25.77
C TYR A 28 -17.90 1.68 24.53
N LYS A 29 -17.89 0.36 24.68
CA LYS A 29 -17.91 -0.57 23.56
C LYS A 29 -19.00 -0.24 22.55
N LYS A 30 -20.21 0.05 23.03
CA LYS A 30 -21.38 0.23 22.18
C LYS A 30 -21.87 1.66 22.16
N SER A 31 -21.14 2.60 22.77
CA SER A 31 -21.57 3.99 22.83
C SER A 31 -21.70 4.62 21.45
N GLY A 32 -22.93 4.92 21.05
CA GLY A 32 -23.19 5.59 19.78
C GLY A 32 -23.02 4.75 18.54
N ILE A 33 -22.87 3.43 18.67
CA ILE A 33 -22.68 2.59 17.50
C ILE A 33 -24.02 2.28 16.86
N THR A 34 -24.00 1.74 15.65
CA THR A 34 -25.18 1.20 15.01
C THR A 34 -25.23 -0.30 15.26
N GLU A 35 -26.45 -0.84 15.40
CA GLU A 35 -26.57 -2.25 15.72
C GLU A 35 -27.90 -2.80 15.20
N VAL A 36 -27.92 -4.10 14.92
CA VAL A 36 -29.16 -4.84 14.69
C VAL A 36 -29.51 -5.58 15.97
N CYS A 37 -30.78 -5.61 16.32
CA CYS A 37 -31.22 -6.42 17.44
C CYS A 37 -31.35 -7.86 16.98
N ARG A 38 -30.67 -8.78 17.67
CA ARG A 38 -30.55 -10.16 17.23
C ARG A 38 -31.42 -11.13 18.02
N GLU A 39 -32.24 -10.63 18.94
CA GLU A 39 -32.98 -11.53 19.83
C GLU A 39 -33.85 -12.51 19.04
N GLU A 40 -34.59 -12.03 18.04
CA GLU A 40 -35.48 -12.91 17.29
C GLU A 40 -34.69 -13.95 16.49
N ALA A 41 -33.62 -13.53 15.82
CA ALA A 41 -32.79 -14.48 15.07
C ALA A 41 -32.10 -15.46 16.01
N ARG A 42 -31.60 -14.98 17.16
CA ARG A 42 -30.87 -15.85 18.07
C ARG A 42 -31.74 -16.97 18.61
N ARG A 43 -33.01 -16.68 18.92
CA ARG A 43 -33.91 -17.73 19.38
C ARG A 43 -34.13 -18.77 18.30
N ALA A 44 -34.53 -18.33 17.10
CA ALA A 44 -34.82 -19.24 16.01
C ALA A 44 -33.64 -20.18 15.78
N LEU A 45 -32.44 -19.61 15.62
CA LEU A 45 -31.27 -20.42 15.33
C LEU A 45 -30.92 -21.33 16.49
N LYS A 46 -31.26 -20.92 17.71
CA LYS A 46 -31.16 -21.85 18.85
C LYS A 46 -32.17 -22.98 18.71
N ASP A 47 -33.41 -22.66 18.31
CA ASP A 47 -34.41 -23.71 18.13
C ASP A 47 -34.15 -24.57 16.89
N GLY A 48 -33.13 -24.26 16.09
CA GLY A 48 -32.85 -25.03 14.91
C GLY A 48 -33.73 -24.71 13.71
N VAL A 49 -34.42 -23.57 13.75
CA VAL A 49 -35.26 -23.16 12.63
C VAL A 49 -34.39 -22.68 11.48
N ALA A 50 -34.83 -22.95 10.25
CA ALA A 50 -34.02 -22.63 9.07
C ALA A 50 -34.79 -21.86 8.00
N THR A 51 -36.04 -21.45 8.26
CA THR A 51 -36.88 -20.87 7.21
C THR A 51 -37.46 -19.51 7.58
N GLY A 52 -37.07 -18.90 8.69
CA GLY A 52 -37.62 -17.62 9.06
C GLY A 52 -36.98 -16.41 8.39
N GLY A 53 -35.96 -16.61 7.56
CA GLY A 53 -35.27 -15.52 6.91
C GLY A 53 -34.20 -14.86 7.75
N HIS A 54 -33.82 -15.46 8.87
CA HIS A 54 -32.90 -14.83 9.81
C HIS A 54 -31.47 -14.93 9.30
N ALA A 55 -30.69 -13.90 9.58
CA ALA A 55 -29.26 -14.01 9.35
C ALA A 55 -28.65 -14.88 10.43
N VAL A 56 -27.58 -15.60 10.06
CA VAL A 56 -26.93 -16.49 11.02
C VAL A 56 -25.99 -15.76 11.95
N SER A 57 -25.72 -14.48 11.68
CA SER A 57 -24.71 -13.74 12.42
C SER A 57 -24.91 -12.26 12.19
N ARG A 58 -24.23 -11.47 13.03
CA ARG A 58 -24.20 -10.02 12.84
C ARG A 58 -23.50 -9.64 11.55
N GLY A 59 -22.69 -10.54 10.99
CA GLY A 59 -21.94 -10.21 9.79
C GLY A 59 -22.81 -9.83 8.61
N SER A 60 -24.00 -10.43 8.49
CA SER A 60 -24.87 -10.11 7.37
C SER A 60 -25.18 -8.63 7.33
N ALA A 61 -25.52 -8.04 8.47
CA ALA A 61 -25.84 -6.61 8.52
C ALA A 61 -24.66 -5.74 8.10
N LYS A 62 -23.44 -6.17 8.43
CA LYS A 62 -22.27 -5.37 8.06
C LYS A 62 -22.07 -5.36 6.56
N LEU A 63 -22.14 -6.53 5.91
CA LEU A 63 -21.99 -6.55 4.46
C LEU A 63 -23.15 -5.84 3.78
N ARG A 64 -24.36 -5.99 4.32
CA ARG A 64 -25.50 -5.24 3.79
C ARG A 64 -25.24 -3.74 3.81
N TRP A 65 -24.68 -3.24 4.91
CA TRP A 65 -24.39 -1.82 5.00
C TRP A 65 -23.49 -1.37 3.85
N LEU A 66 -22.43 -2.13 3.59
CA LEU A 66 -21.52 -1.78 2.50
C LEU A 66 -22.22 -1.90 1.15
N VAL A 67 -22.99 -2.98 0.95
CA VAL A 67 -23.63 -3.20 -0.34
C VAL A 67 -24.72 -2.17 -0.59
N GLU A 68 -25.53 -1.87 0.42
CA GLU A 68 -26.63 -0.94 0.23
C GLU A 68 -26.15 0.49 -0.03
N ARG A 69 -24.95 0.85 0.41
CA ARG A 69 -24.42 2.18 0.19
C ARG A 69 -23.48 2.26 -1.02
N GLY A 70 -23.38 1.19 -1.80
CA GLY A 70 -22.65 1.21 -3.04
C GLY A 70 -21.15 1.00 -2.94
N TYR A 71 -20.63 0.69 -1.75
CA TYR A 71 -19.21 0.41 -1.60
C TYR A 71 -18.78 -0.92 -2.19
N LEU A 72 -19.74 -1.78 -2.54
CA LEU A 72 -19.45 -3.12 -3.05
C LEU A 72 -20.65 -3.59 -3.86
N GLN A 73 -20.40 -4.07 -5.08
CA GLN A 73 -21.46 -4.62 -5.94
C GLN A 73 -21.13 -6.07 -6.29
N PRO A 74 -21.56 -7.03 -5.46
CA PRO A 74 -21.21 -8.42 -5.73
C PRO A 74 -21.89 -8.98 -6.97
N TYR A 75 -21.19 -9.89 -7.64
CA TYR A 75 -21.67 -10.48 -8.87
C TYR A 75 -20.90 -11.76 -9.14
N GLY A 76 -21.48 -12.63 -9.97
CA GLY A 76 -20.77 -13.80 -10.44
C GLY A 76 -20.43 -14.76 -9.32
N LYS A 77 -19.19 -15.25 -9.33
CA LYS A 77 -18.71 -16.20 -8.35
C LYS A 77 -18.16 -15.47 -7.14
N VAL A 78 -18.79 -15.66 -5.99
CA VAL A 78 -18.36 -15.06 -4.73
C VAL A 78 -17.59 -16.10 -3.93
N ILE A 79 -16.39 -15.73 -3.47
CA ILE A 79 -15.65 -16.48 -2.47
C ILE A 79 -15.66 -15.70 -1.17
N ASP A 80 -15.93 -16.42 -0.08
CA ASP A 80 -16.06 -15.86 1.25
C ASP A 80 -15.01 -16.57 2.12
N LEU A 81 -13.86 -15.94 2.29
CA LEU A 81 -12.79 -16.50 3.09
C LEU A 81 -13.01 -16.17 4.57
N GLY A 82 -12.89 -17.18 5.42
CA GLY A 82 -13.24 -17.04 6.82
C GLY A 82 -14.73 -16.82 6.98
N CYS A 83 -15.53 -17.67 6.34
CA CYS A 83 -16.97 -17.45 6.32
C CYS A 83 -17.63 -17.69 7.67
N GLY A 84 -16.95 -18.33 8.61
CA GLY A 84 -17.59 -18.66 9.87
C GLY A 84 -18.93 -19.33 9.64
N ARG A 85 -19.93 -18.90 10.43
CA ARG A 85 -21.28 -19.44 10.26
C ARG A 85 -21.83 -19.20 8.86
N GLY A 86 -21.37 -18.15 8.18
CA GLY A 86 -21.78 -17.89 6.82
C GLY A 86 -22.63 -16.64 6.60
N GLY A 87 -22.62 -15.68 7.54
CA GLY A 87 -23.48 -14.52 7.40
C GLY A 87 -23.26 -13.74 6.12
N TRP A 88 -21.98 -13.62 5.69
CA TRP A 88 -21.69 -12.90 4.45
C TRP A 88 -22.11 -13.71 3.23
N SER A 89 -21.90 -15.01 3.27
CA SER A 89 -22.26 -15.87 2.15
C SER A 89 -23.76 -15.90 1.93
N TYR A 90 -24.54 -15.99 3.01
CA TYR A 90 -25.99 -16.02 2.86
C TYR A 90 -26.51 -14.70 2.32
N TYR A 91 -25.93 -13.58 2.76
CA TYR A 91 -26.36 -12.30 2.23
C TYR A 91 -26.02 -12.19 0.75
N ALA A 92 -24.81 -12.57 0.36
CA ALA A 92 -24.41 -12.54 -1.05
C ALA A 92 -25.36 -13.35 -1.91
N ALA A 93 -25.84 -14.48 -1.41
CA ALA A 93 -26.69 -15.36 -2.20
C ALA A 93 -28.02 -14.72 -2.58
N THR A 94 -28.42 -13.65 -1.90
CA THR A 94 -29.67 -12.97 -2.21
C THR A 94 -29.52 -11.92 -3.30
N ILE A 95 -28.29 -11.63 -3.71
CA ILE A 95 -28.02 -10.54 -4.65
C ILE A 95 -28.20 -11.06 -6.08
N ARG A 96 -28.91 -10.27 -6.89
CA ARG A 96 -29.39 -10.76 -8.18
C ARG A 96 -28.26 -11.20 -9.09
N LYS A 97 -27.17 -10.43 -9.14
CA LYS A 97 -26.08 -10.74 -10.06
C LYS A 97 -25.14 -11.84 -9.56
N VAL A 98 -25.28 -12.28 -8.31
CA VAL A 98 -24.45 -13.36 -7.79
C VAL A 98 -24.94 -14.69 -8.35
N GLN A 99 -24.00 -15.49 -8.86
CA GLN A 99 -24.30 -16.78 -9.48
C GLN A 99 -23.97 -17.96 -8.58
N GLU A 100 -23.02 -17.78 -7.66
CA GLU A 100 -22.51 -18.87 -6.84
C GLU A 100 -21.75 -18.27 -5.66
N VAL A 101 -21.84 -18.93 -4.51
CA VAL A 101 -21.14 -18.52 -3.29
C VAL A 101 -20.35 -19.71 -2.75
N LYS A 102 -19.05 -19.51 -2.55
CA LYS A 102 -18.16 -20.53 -2.00
C LYS A 102 -17.51 -19.97 -0.74
N GLY A 103 -17.85 -20.54 0.41
CA GLY A 103 -17.30 -20.12 1.68
C GLY A 103 -16.33 -21.13 2.25
N TYR A 104 -15.29 -20.63 2.93
CA TYR A 104 -14.25 -21.46 3.50
C TYR A 104 -13.90 -20.97 4.89
N THR A 105 -13.94 -21.87 5.88
CA THR A 105 -13.62 -21.50 7.25
C THR A 105 -12.90 -22.66 7.94
N LYS A 106 -12.12 -22.30 8.96
CA LYS A 106 -11.31 -23.30 9.66
C LYS A 106 -12.17 -24.24 10.49
N GLY A 107 -13.08 -23.70 11.28
CA GLY A 107 -13.88 -24.52 12.16
C GLY A 107 -13.03 -25.07 13.30
N GLY A 108 -13.59 -26.07 13.97
CA GLY A 108 -12.92 -26.71 15.08
C GLY A 108 -13.31 -26.11 16.41
N PRO A 109 -12.69 -26.58 17.50
CA PRO A 109 -13.03 -26.05 18.82
C PRO A 109 -12.65 -24.59 18.96
N GLY A 110 -13.53 -23.81 19.58
CA GLY A 110 -13.33 -22.39 19.74
C GLY A 110 -13.68 -21.54 18.54
N HIS A 111 -13.84 -22.14 17.36
CA HIS A 111 -14.13 -21.41 16.13
C HIS A 111 -15.55 -21.73 15.65
N GLU A 112 -16.07 -20.83 14.82
CA GLU A 112 -17.43 -20.92 14.34
C GLU A 112 -17.55 -21.93 13.21
N GLU A 113 -18.63 -22.72 13.26
CA GLU A 113 -18.91 -23.67 12.19
C GLU A 113 -19.95 -23.11 11.23
N PRO A 114 -19.87 -23.45 9.94
CA PRO A 114 -20.94 -23.06 9.02
C PRO A 114 -22.30 -23.50 9.53
N MET A 115 -23.26 -22.58 9.45
CA MET A 115 -24.66 -22.88 9.74
C MET A 115 -25.41 -23.14 8.45
N LEU A 116 -26.24 -24.18 8.47
CA LEU A 116 -27.05 -24.55 7.32
C LEU A 116 -28.48 -24.06 7.56
N VAL A 117 -28.87 -23.01 6.85
CA VAL A 117 -30.23 -22.48 6.88
C VAL A 117 -30.72 -22.32 5.44
N GLN A 118 -32.03 -22.12 5.31
CA GLN A 118 -32.68 -22.09 4.01
C GLN A 118 -33.22 -20.70 3.72
N SER A 119 -32.36 -19.69 3.87
CA SER A 119 -32.71 -18.35 3.41
C SER A 119 -32.56 -18.27 1.89
N TYR A 120 -33.22 -17.27 1.31
CA TYR A 120 -33.27 -17.12 -0.14
C TYR A 120 -31.89 -17.30 -0.76
N GLY A 121 -31.80 -18.21 -1.73
CA GLY A 121 -30.55 -18.47 -2.43
C GLY A 121 -29.62 -19.44 -1.74
N TRP A 122 -30.07 -20.11 -0.67
CA TRP A 122 -29.21 -21.07 0.01
C TRP A 122 -28.69 -22.15 -0.95
N ASN A 123 -29.42 -22.41 -2.03
CA ASN A 123 -29.07 -23.51 -2.93
C ASN A 123 -27.88 -23.21 -3.83
N ILE A 124 -27.42 -21.96 -3.90
CA ILE A 124 -26.23 -21.62 -4.68
C ILE A 124 -25.00 -21.47 -3.81
N VAL A 125 -25.06 -21.94 -2.56
CA VAL A 125 -24.01 -21.77 -1.56
C VAL A 125 -23.37 -23.11 -1.25
N ARG A 126 -22.05 -23.10 -1.07
CA ARG A 126 -21.33 -24.21 -0.45
C ARG A 126 -20.41 -23.63 0.61
N LEU A 127 -20.64 -23.99 1.86
CA LEU A 127 -19.81 -23.58 2.98
C LEU A 127 -18.95 -24.78 3.39
N LYS A 128 -17.64 -24.60 3.39
CA LYS A 128 -16.70 -25.68 3.65
C LYS A 128 -15.91 -25.35 4.92
N SER A 129 -15.99 -26.23 5.90
CA SER A 129 -15.20 -26.09 7.12
C SER A 129 -13.91 -26.90 7.00
N GLY A 130 -13.05 -26.74 8.00
CA GLY A 130 -11.77 -27.45 8.00
C GLY A 130 -10.76 -26.91 7.02
N VAL A 131 -10.94 -25.67 6.56
CA VAL A 131 -10.07 -25.07 5.55
C VAL A 131 -9.28 -23.94 6.19
N ASP A 132 -7.96 -24.09 6.22
CA ASP A 132 -7.05 -22.99 6.56
C ASP A 132 -6.74 -22.25 5.27
N VAL A 133 -7.33 -21.07 5.10
CA VAL A 133 -7.20 -20.33 3.85
C VAL A 133 -5.76 -19.90 3.59
N PHE A 134 -4.92 -19.81 4.62
CA PHE A 134 -3.51 -19.50 4.39
C PHE A 134 -2.77 -20.62 3.68
N HIS A 135 -3.35 -21.82 3.61
CA HIS A 135 -2.78 -22.94 2.88
C HIS A 135 -3.64 -23.40 1.71
N MET A 136 -4.68 -22.65 1.37
CA MET A 136 -5.51 -22.96 0.21
C MET A 136 -4.97 -22.25 -1.02
N ALA A 137 -4.95 -22.97 -2.13
CA ALA A 137 -4.56 -22.35 -3.40
C ALA A 137 -5.63 -21.36 -3.84
N ALA A 138 -5.21 -20.18 -4.26
CA ALA A 138 -6.15 -19.19 -4.75
C ALA A 138 -6.72 -19.62 -6.10
N GLU A 139 -7.97 -19.28 -6.33
N GLU A 139 -7.97 -19.24 -6.34
CA GLU A 139 -8.63 -19.57 -7.59
CA GLU A 139 -8.70 -19.58 -7.55
C GLU A 139 -9.32 -18.32 -8.11
C GLU A 139 -9.33 -18.31 -8.11
N PRO A 140 -9.71 -18.32 -9.38
CA PRO A 140 -10.37 -17.14 -9.95
C PRO A 140 -11.72 -16.90 -9.33
N CYS A 141 -12.12 -15.63 -9.28
CA CYS A 141 -13.46 -15.30 -8.83
C CYS A 141 -13.80 -13.90 -9.28
N ASP A 142 -15.10 -13.61 -9.24
CA ASP A 142 -15.59 -12.29 -9.59
C ASP A 142 -15.67 -11.38 -8.36
N THR A 143 -16.06 -11.93 -7.21
CA THR A 143 -16.16 -11.17 -5.97
C THR A 143 -15.37 -11.90 -4.89
N LEU A 144 -14.42 -11.20 -4.29
CA LEU A 144 -13.56 -11.77 -3.26
C LEU A 144 -13.91 -11.14 -1.92
N LEU A 145 -14.35 -11.95 -0.98
CA LEU A 145 -14.70 -11.49 0.36
C LEU A 145 -13.76 -12.15 1.37
N CYS A 146 -13.37 -11.40 2.39
CA CYS A 146 -12.54 -11.95 3.46
C CYS A 146 -12.82 -11.16 4.72
N ASP A 147 -13.21 -11.86 5.78
CA ASP A 147 -13.57 -11.25 7.05
C ASP A 147 -12.73 -11.80 8.19
N ILE A 148 -11.44 -11.99 7.93
CA ILE A 148 -10.53 -12.63 8.87
C ILE A 148 -9.74 -11.56 9.62
N GLY A 149 -9.54 -11.81 10.92
CA GLY A 149 -8.64 -11.04 11.73
C GLY A 149 -9.12 -10.99 13.16
N GLU A 150 -8.29 -11.50 14.06
CA GLU A 150 -8.66 -11.68 15.46
C GLU A 150 -8.16 -10.50 16.27
N SER A 151 -9.04 -9.90 17.05
CA SER A 151 -8.67 -8.76 17.87
C SER A 151 -7.64 -9.15 18.91
N SER A 152 -6.81 -8.18 19.28
CA SER A 152 -5.81 -8.38 20.31
C SER A 152 -5.61 -7.08 21.07
N SER A 153 -5.30 -7.21 22.35
CA SER A 153 -4.94 -6.04 23.15
C SER A 153 -3.63 -5.43 22.69
N SER A 154 -2.82 -6.19 21.94
CA SER A 154 -1.56 -5.67 21.41
C SER A 154 -1.77 -5.12 20.00
N PRO A 155 -1.44 -3.86 19.72
CA PRO A 155 -1.46 -3.43 18.32
C PRO A 155 -0.41 -4.14 17.48
N GLU A 156 0.67 -4.61 18.11
CA GLU A 156 1.69 -5.37 17.39
C GLU A 156 1.10 -6.65 16.80
N VAL A 157 0.31 -7.37 17.61
CA VAL A 157 -0.34 -8.61 17.14
C VAL A 157 -1.35 -8.29 16.04
N GLU A 158 -2.17 -7.26 16.25
CA GLU A 158 -3.17 -6.90 15.25
C GLU A 158 -2.51 -6.56 13.90
N GLU A 159 -1.42 -5.80 13.93
CA GLU A 159 -0.70 -5.48 12.70
C GLU A 159 -0.22 -6.75 12.00
N ALA A 160 0.40 -7.66 12.75
CA ALA A 160 0.97 -8.87 12.13
C ALA A 160 -0.11 -9.76 11.55
N ARG A 161 -1.24 -9.90 12.24
CA ARG A 161 -2.35 -10.70 11.72
C ARG A 161 -2.92 -10.07 10.46
N THR A 162 -3.06 -8.73 10.44
CA THR A 162 -3.58 -8.05 9.25
C THR A 162 -2.65 -8.25 8.06
N LEU A 163 -1.33 -8.13 8.28
CA LEU A 163 -0.38 -8.32 7.19
C LEU A 163 -0.43 -9.74 6.65
N ARG A 164 -0.63 -10.73 7.52
CA ARG A 164 -0.75 -12.10 7.05
C ARG A 164 -1.96 -12.25 6.14
N VAL A 165 -3.11 -11.73 6.59
CA VAL A 165 -4.33 -11.75 5.79
C VAL A 165 -4.10 -11.06 4.45
N LEU A 166 -3.43 -9.89 4.47
CA LEU A 166 -3.29 -9.13 3.24
C LEU A 166 -2.35 -9.81 2.26
N SER A 167 -1.34 -10.53 2.75
CA SER A 167 -0.47 -11.28 1.85
C SER A 167 -1.21 -12.46 1.23
N MET A 168 -2.07 -13.12 2.02
CA MET A 168 -2.89 -14.21 1.49
C MET A 168 -3.89 -13.68 0.49
N VAL A 169 -4.52 -12.55 0.78
CA VAL A 169 -5.49 -11.95 -0.12
C VAL A 169 -4.85 -11.59 -1.45
N GLY A 170 -3.57 -11.17 -1.43
CA GLY A 170 -2.93 -10.73 -2.66
C GLY A 170 -3.00 -11.76 -3.77
N ASP A 171 -2.75 -13.03 -3.43
CA ASP A 171 -2.78 -14.08 -4.44
C ASP A 171 -4.14 -14.19 -5.10
N TRP A 172 -5.22 -13.97 -4.33
CA TRP A 172 -6.56 -13.99 -4.91
C TRP A 172 -6.77 -12.76 -5.78
N LEU A 173 -6.32 -11.59 -5.33
CA LEU A 173 -6.48 -10.38 -6.11
C LEU A 173 -5.73 -10.47 -7.44
N GLU A 174 -4.69 -11.30 -7.50
CA GLU A 174 -3.97 -11.51 -8.76
C GLU A 174 -4.81 -12.28 -9.76
N LYS A 175 -5.83 -12.99 -9.30
CA LYS A 175 -6.83 -13.59 -10.19
C LYS A 175 -7.80 -12.55 -10.72
N ARG A 176 -7.67 -11.30 -10.26
CA ARG A 176 -8.33 -10.12 -10.80
C ARG A 176 -9.85 -10.19 -10.66
N PRO A 177 -10.38 -10.34 -9.44
CA PRO A 177 -11.82 -10.13 -9.24
C PRO A 177 -12.21 -8.68 -9.48
N GLY A 178 -13.47 -8.49 -9.90
CA GLY A 178 -13.96 -7.15 -10.14
C GLY A 178 -14.55 -6.45 -8.94
N ALA A 179 -14.76 -7.17 -7.84
CA ALA A 179 -15.27 -6.61 -6.60
C ALA A 179 -14.60 -7.31 -5.43
N PHE A 180 -14.39 -6.57 -4.34
CA PHE A 180 -13.82 -7.21 -3.17
C PHE A 180 -14.18 -6.43 -1.91
N CYS A 181 -14.16 -7.15 -0.79
CA CYS A 181 -14.42 -6.58 0.53
C CYS A 181 -13.57 -7.37 1.51
N ILE A 182 -12.52 -6.72 2.04
CA ILE A 182 -11.47 -7.37 2.82
C ILE A 182 -11.38 -6.65 4.16
N LYS A 183 -11.62 -7.38 5.24
CA LYS A 183 -11.44 -6.82 6.57
C LYS A 183 -9.97 -6.46 6.78
N VAL A 184 -9.73 -5.26 7.27
CA VAL A 184 -8.40 -4.83 7.69
C VAL A 184 -8.50 -4.57 9.20
N LEU A 185 -8.10 -5.56 9.99
CA LEU A 185 -8.22 -5.47 11.44
C LEU A 185 -7.49 -4.25 12.00
N CYS A 186 -6.25 -4.04 11.53
CA CYS A 186 -5.39 -2.97 12.05
C CYS A 186 -4.94 -2.11 10.88
N PRO A 187 -5.68 -1.05 10.58
CA PRO A 187 -5.21 -0.07 9.58
C PRO A 187 -4.50 1.14 10.15
N TYR A 188 -4.30 1.21 11.47
CA TYR A 188 -4.01 2.47 12.14
C TYR A 188 -2.54 2.69 12.49
N THR A 189 -1.65 1.74 12.19
CA THR A 189 -0.23 1.97 12.39
C THR A 189 0.41 2.52 11.12
N SER A 190 1.56 3.16 11.29
CA SER A 190 2.24 3.76 10.14
CA SER A 190 2.26 3.75 10.15
C SER A 190 2.58 2.71 9.09
N THR A 191 3.07 1.54 9.52
CA THR A 191 3.36 0.48 8.56
C THR A 191 2.10 0.04 7.82
N MET A 192 0.97 -0.07 8.53
CA MET A 192 -0.26 -0.53 7.89
C MET A 192 -0.81 0.52 6.93
N MET A 193 -0.72 1.80 7.28
CA MET A 193 -1.16 2.82 6.34
C MET A 193 -0.29 2.79 5.08
N GLU A 194 1.03 2.62 5.25
CA GLU A 194 1.90 2.50 4.09
C GLU A 194 1.58 1.26 3.28
N THR A 195 1.26 0.15 3.96
CA THR A 195 0.91 -1.08 3.26
C THR A 195 -0.35 -0.89 2.43
N LEU A 196 -1.35 -0.21 2.97
CA LEU A 196 -2.60 -0.08 2.24
C LEU A 196 -2.53 0.98 1.15
N GLU A 197 -1.65 1.96 1.27
CA GLU A 197 -1.40 2.85 0.13
C GLU A 197 -0.82 2.08 -1.04
N ARG A 198 0.15 1.19 -0.77
CA ARG A 198 0.70 0.33 -1.83
C ARG A 198 -0.38 -0.54 -2.45
N LEU A 199 -1.17 -1.21 -1.61
CA LEU A 199 -2.21 -2.09 -2.13
C LEU A 199 -3.28 -1.31 -2.88
N GLN A 200 -3.61 -0.11 -2.39
CA GLN A 200 -4.58 0.74 -3.08
C GLN A 200 -4.05 1.17 -4.45
N ARG A 201 -2.75 1.44 -4.53
CA ARG A 201 -2.17 1.81 -5.81
C ARG A 201 -2.23 0.65 -6.79
N ARG A 202 -2.06 -0.57 -6.30
CA ARG A 202 -2.03 -1.71 -7.20
C ARG A 202 -3.43 -2.22 -7.56
N TYR A 203 -4.35 -2.24 -6.60
CA TYR A 203 -5.65 -2.87 -6.80
C TYR A 203 -6.83 -1.90 -6.68
N GLY A 204 -6.58 -0.64 -6.32
CA GLY A 204 -7.69 0.29 -6.14
C GLY A 204 -8.41 0.07 -4.84
N GLY A 205 -9.67 0.48 -4.81
CA GLY A 205 -10.48 0.42 -3.60
C GLY A 205 -10.10 1.49 -2.59
N GLY A 206 -10.77 1.41 -1.44
CA GLY A 206 -10.45 2.28 -0.31
C GLY A 206 -10.92 1.63 0.97
N LEU A 207 -10.65 2.32 2.07
CA LEU A 207 -11.02 1.85 3.40
C LEU A 207 -12.30 2.55 3.86
N VAL A 208 -13.20 1.76 4.47
CA VAL A 208 -14.48 2.25 4.97
C VAL A 208 -14.70 1.73 6.37
N ARG A 209 -15.09 2.63 7.29
CA ARG A 209 -15.51 2.23 8.62
C ARG A 209 -17.00 1.94 8.59
N VAL A 210 -17.37 0.71 8.91
CA VAL A 210 -18.77 0.29 9.00
C VAL A 210 -19.25 0.63 10.40
N PRO A 211 -20.34 1.40 10.55
CA PRO A 211 -20.71 1.88 11.89
C PRO A 211 -21.34 0.82 12.78
N LEU A 212 -21.61 -0.38 12.25
CA LEU A 212 -21.96 -1.52 13.10
C LEU A 212 -20.75 -2.08 13.83
N SER A 213 -19.53 -1.72 13.43
CA SER A 213 -18.35 -2.14 14.16
C SER A 213 -18.38 -1.52 15.56
N ARG A 214 -18.01 -2.32 16.56
CA ARG A 214 -17.97 -1.82 17.93
C ARG A 214 -16.78 -0.86 18.11
N ASN A 215 -16.88 0.03 19.10
CA ASN A 215 -15.79 0.96 19.36
C ASN A 215 -14.54 0.27 19.90
N SER A 216 -14.64 -0.98 20.34
CA SER A 216 -13.48 -1.70 20.83
C SER A 216 -12.62 -2.29 19.72
N THR A 217 -12.98 -2.10 18.46
CA THR A 217 -12.10 -2.45 17.35
C THR A 217 -12.01 -1.32 16.34
N HIS A 218 -10.80 -1.12 15.80
CA HIS A 218 -10.52 -0.14 14.76
C HIS A 218 -10.64 -0.75 13.36
N GLU A 219 -11.29 -1.91 13.25
CA GLU A 219 -11.42 -2.60 11.97
C GLU A 219 -12.06 -1.68 10.93
N MET A 220 -11.53 -1.75 9.72
CA MET A 220 -12.13 -1.09 8.57
C MET A 220 -12.13 -2.09 7.43
N TYR A 221 -12.94 -1.83 6.42
CA TYR A 221 -13.13 -2.75 5.32
C TYR A 221 -12.58 -2.14 4.04
N TRP A 222 -11.66 -2.86 3.42
CA TRP A 222 -11.08 -2.46 2.14
C TRP A 222 -12.03 -2.92 1.05
N VAL A 223 -12.72 -1.97 0.42
CA VAL A 223 -13.79 -2.26 -0.52
C VAL A 223 -13.46 -1.64 -1.87
N SER A 224 -13.84 -2.34 -2.95
CA SER A 224 -13.45 -1.92 -4.29
C SER A 224 -14.14 -0.63 -4.73
N GLY A 225 -15.34 -0.36 -4.22
CA GLY A 225 -16.05 0.83 -4.63
C GLY A 225 -15.62 2.11 -3.95
N ALA A 226 -14.77 2.01 -2.94
CA ALA A 226 -14.31 3.18 -2.21
C ALA A 226 -13.05 3.74 -2.88
N LYS A 227 -12.84 5.04 -2.71
CA LYS A 227 -11.73 5.74 -3.34
C LYS A 227 -10.89 6.57 -2.36
N SER A 228 -11.35 6.75 -1.13
CA SER A 228 -10.79 7.75 -0.23
C SER A 228 -9.29 7.57 -0.02
N ASN A 229 -8.63 8.68 0.28
CA ASN A 229 -7.25 8.65 0.74
C ASN A 229 -7.13 7.80 2.00
N THR A 230 -6.13 6.91 2.01
CA THR A 230 -6.01 5.93 3.10
C THR A 230 -5.77 6.64 4.44
N ILE A 231 -4.80 7.54 4.48
CA ILE A 231 -4.43 8.19 5.74
C ILE A 231 -5.62 8.97 6.30
N LYS A 232 -6.31 9.73 5.44
CA LYS A 232 -7.45 10.52 5.91
C LYS A 232 -8.53 9.62 6.48
N SER A 233 -8.90 8.55 5.75
CA SER A 233 -9.97 7.68 6.21
C SER A 233 -9.60 7.00 7.52
N VAL A 234 -8.35 6.56 7.65
CA VAL A 234 -7.90 5.93 8.90
C VAL A 234 -7.91 6.94 10.04
N SER A 235 -7.37 8.14 9.80
CA SER A 235 -7.26 9.12 10.86
C SER A 235 -8.63 9.61 11.30
N THR A 236 -9.55 9.76 10.35
CA THR A 236 -10.94 10.08 10.68
C THR A 236 -11.53 9.05 11.63
N THR A 237 -11.32 7.76 11.34
CA THR A 237 -11.87 6.72 12.22
C THR A 237 -11.23 6.78 13.60
N SER A 238 -9.92 6.98 13.68
CA SER A 238 -9.26 7.11 14.97
C SER A 238 -9.83 8.28 15.77
N GLN A 239 -10.06 9.42 15.10
CA GLN A 239 -10.63 10.57 15.78
C GLN A 239 -12.01 10.26 16.34
N LEU A 240 -12.86 9.63 15.53
CA LEU A 240 -14.20 9.26 15.98
C LEU A 240 -14.12 8.38 17.23
N LEU A 241 -13.27 7.35 17.19
CA LEU A 241 -13.21 6.41 18.30
C LEU A 241 -12.67 7.06 19.56
N LEU A 242 -11.63 7.90 19.43
CA LEU A 242 -11.11 8.59 20.61
C LEU A 242 -12.14 9.52 21.23
N GLY A 243 -12.84 10.30 20.40
CA GLY A 243 -13.84 11.22 20.94
C GLY A 243 -14.94 10.52 21.73
N ARG A 244 -15.27 9.29 21.36
CA ARG A 244 -16.29 8.54 22.07
C ARG A 244 -15.82 8.04 23.43
N MET A 245 -14.50 8.04 23.67
CA MET A 245 -14.01 7.68 25.00
C MET A 245 -14.29 8.76 26.03
N ASP A 246 -14.54 9.97 25.59
CA ASP A 246 -14.81 11.09 26.49
C ASP A 246 -16.31 11.39 26.51
N GLY A 247 -16.72 12.06 27.58
CA GLY A 247 -18.09 12.48 27.74
C GLY A 247 -18.98 11.30 28.12
N PRO A 248 -20.28 11.54 28.15
CA PRO A 248 -21.23 10.49 28.56
C PRO A 248 -21.48 9.46 27.46
N ARG A 249 -22.05 8.34 27.89
CA ARG A 249 -22.44 7.30 26.97
C ARG A 249 -23.56 7.81 26.05
N ARG A 250 -23.48 7.44 24.77
CA ARG A 250 -24.43 7.86 23.75
C ARG A 250 -25.24 6.63 23.32
N PRO A 251 -26.51 6.79 22.95
CA PRO A 251 -27.34 5.61 22.72
C PRO A 251 -26.98 4.89 21.43
N VAL A 252 -27.15 3.56 21.46
CA VAL A 252 -27.03 2.75 20.27
C VAL A 252 -28.14 3.13 19.29
N LYS A 253 -27.81 3.16 18.01
CA LYS A 253 -28.80 3.38 16.96
C LYS A 253 -29.07 2.05 16.27
N TYR A 254 -30.34 1.67 16.18
CA TYR A 254 -30.70 0.36 15.65
C TYR A 254 -31.15 0.47 14.20
N GLU A 255 -30.77 -0.54 13.42
CA GLU A 255 -31.39 -0.80 12.13
C GLU A 255 -32.16 -2.10 12.29
N GLU A 256 -33.09 -2.35 11.37
CA GLU A 256 -33.81 -3.60 11.44
C GLU A 256 -32.89 -4.74 11.06
N ASP A 257 -33.07 -5.89 11.70
CA ASP A 257 -32.19 -7.01 11.41
C ASP A 257 -32.42 -7.48 9.98
N VAL A 258 -31.47 -8.24 9.47
CA VAL A 258 -31.52 -8.69 8.10
C VAL A 258 -32.63 -9.73 7.96
N ASN A 259 -33.48 -9.55 6.96
CA ASN A 259 -34.43 -10.59 6.56
C ASN A 259 -34.06 -11.01 5.16
N LEU A 260 -33.46 -12.18 5.03
CA LEU A 260 -32.98 -12.69 3.75
C LEU A 260 -34.02 -13.48 3.00
N GLY A 261 -35.24 -13.59 3.52
CA GLY A 261 -36.29 -14.32 2.83
C GLY A 261 -36.04 -15.82 2.92
N SER A 262 -36.66 -16.55 2.00
CA SER A 262 -36.52 -17.99 1.96
C SER A 262 -36.77 -18.50 0.55
N GLY A 263 -36.64 -19.81 0.37
CA GLY A 263 -36.79 -20.42 -0.92
C GLY A 263 -35.46 -20.59 -1.63
N THR A 264 -35.55 -21.18 -2.81
CA THR A 264 -34.38 -21.44 -3.63
C THR A 264 -34.33 -20.42 -4.77
N ARG A 265 -33.20 -20.42 -5.46
CA ARG A 265 -33.05 -19.61 -6.67
C ARG A 265 -32.90 -20.53 -7.88
N GLY B 6 3.20 30.77 -13.53
CA GLY B 6 4.34 31.68 -13.44
C GLY B 6 5.56 30.97 -12.87
N GLU B 7 6.27 31.65 -11.97
CA GLU B 7 7.40 31.01 -11.31
C GLU B 7 6.89 29.88 -10.43
N THR B 8 7.48 28.70 -10.58
CA THR B 8 7.01 27.56 -9.82
C THR B 8 7.58 27.59 -8.41
N LEU B 9 6.94 26.83 -7.51
CA LEU B 9 7.44 26.72 -6.14
C LEU B 9 8.84 26.14 -6.14
N GLY B 10 9.10 25.14 -6.98
CA GLY B 10 10.44 24.58 -7.04
C GLY B 10 11.49 25.59 -7.47
N GLU B 11 11.12 26.48 -8.40
CA GLU B 11 12.01 27.57 -8.78
C GLU B 11 12.28 28.49 -7.60
N LYS B 12 11.26 28.72 -6.75
CA LYS B 12 11.48 29.47 -5.51
C LYS B 12 12.46 28.74 -4.60
N TRP B 13 12.26 27.44 -4.41
CA TRP B 13 13.19 26.64 -3.64
C TRP B 13 14.62 26.79 -4.15
N LYS B 14 14.79 26.74 -5.47
CA LYS B 14 16.13 26.74 -6.03
C LYS B 14 16.82 28.09 -5.82
N ALA B 15 16.10 29.19 -6.02
CA ALA B 15 16.69 30.51 -5.79
C ALA B 15 17.07 30.68 -4.33
N ARG B 16 16.17 30.29 -3.42
CA ARG B 16 16.43 30.42 -2.00
C ARG B 16 17.59 29.52 -1.57
N LEU B 17 17.65 28.30 -2.13
CA LEU B 17 18.80 27.45 -1.88
C LEU B 17 20.08 28.14 -2.28
N ASN B 18 20.09 28.85 -3.41
CA ASN B 18 21.28 29.52 -3.90
C ASN B 18 21.63 30.77 -3.09
N GLN B 19 20.75 31.25 -2.22
CA GLN B 19 21.02 32.43 -1.39
C GLN B 19 21.43 32.06 0.02
N MET B 20 21.45 30.77 0.36
CA MET B 20 21.77 30.35 1.72
C MET B 20 23.26 30.54 2.01
N SER B 21 23.56 30.85 3.27
CA SER B 21 24.92 30.86 3.76
C SER B 21 25.42 29.43 3.96
N ALA B 22 26.71 29.30 4.26
CA ALA B 22 27.28 27.99 4.53
C ALA B 22 26.63 27.36 5.76
N LEU B 23 26.37 28.15 6.80
CA LEU B 23 25.75 27.61 8.01
C LEU B 23 24.29 27.25 7.76
N GLU B 24 23.53 28.10 7.08
CA GLU B 24 22.13 27.79 6.80
C GLU B 24 22.01 26.52 5.97
N PHE B 25 22.85 26.39 4.94
CA PHE B 25 22.82 25.23 4.06
C PHE B 25 23.23 23.97 4.81
N TYR B 26 24.23 24.08 5.68
CA TYR B 26 24.72 22.92 6.44
C TYR B 26 23.62 22.32 7.29
N SER B 27 22.84 23.16 7.98
CA SER B 27 21.75 22.66 8.82
C SER B 27 20.55 22.27 7.99
N TYR B 28 20.28 23.00 6.90
CA TYR B 28 19.14 22.70 6.05
C TYR B 28 19.32 21.39 5.30
N LYS B 29 20.57 21.07 4.94
CA LYS B 29 20.86 19.97 4.03
C LYS B 29 20.09 18.71 4.39
N LYS B 30 20.13 18.35 5.67
CA LYS B 30 19.58 17.09 6.15
C LYS B 30 18.39 17.25 7.10
N SER B 31 17.85 18.46 7.23
CA SER B 31 16.77 18.69 8.19
C SER B 31 15.54 17.83 7.89
N GLY B 32 15.25 16.89 8.79
CA GLY B 32 14.07 16.06 8.68
C GLY B 32 14.10 14.98 7.62
N ILE B 33 15.24 14.76 6.98
CA ILE B 33 15.31 13.77 5.91
C ILE B 33 15.43 12.39 6.54
N THR B 34 15.28 11.35 5.72
CA THR B 34 15.46 9.99 6.17
C THR B 34 16.89 9.52 5.93
N GLU B 35 17.34 8.62 6.81
CA GLU B 35 18.70 8.12 6.80
C GLU B 35 18.70 6.66 7.23
N VAL B 36 19.76 5.98 6.89
CA VAL B 36 19.99 4.64 7.41
C VAL B 36 20.70 4.80 8.74
N CYS B 37 20.27 4.01 9.73
CA CYS B 37 20.91 4.00 11.04
C CYS B 37 22.16 3.13 10.96
N ARG B 38 23.33 3.75 10.98
CA ARG B 38 24.59 3.02 10.89
C ARG B 38 24.77 2.09 12.08
N HIS B 54 26.11 -5.63 3.46
CA HIS B 54 27.30 -4.81 3.67
C HIS B 54 27.02 -3.37 3.22
N ALA B 55 27.41 -3.07 1.98
CA ALA B 55 27.23 -1.76 1.38
C ALA B 55 27.86 -1.79 -0.01
N VAL B 56 27.48 -0.90 -0.93
CA VAL B 56 28.53 -0.27 -1.72
C VAL B 56 28.27 1.24 -1.85
N SER B 57 27.04 1.67 -1.57
CA SER B 57 26.68 3.06 -1.80
C SER B 57 25.33 3.36 -1.15
N ARG B 58 25.03 4.66 -1.03
CA ARG B 58 23.73 5.11 -0.55
C ARG B 58 22.58 4.77 -1.50
N GLY B 59 22.86 4.54 -2.79
CA GLY B 59 21.79 4.32 -3.73
C GLY B 59 20.91 3.13 -3.42
N SER B 60 21.49 2.08 -2.80
CA SER B 60 20.72 0.88 -2.52
C SER B 60 19.49 1.18 -1.68
N ALA B 61 19.66 1.96 -0.61
CA ALA B 61 18.54 2.31 0.26
C ALA B 61 17.46 3.07 -0.50
N LYS B 62 17.86 3.91 -1.46
CA LYS B 62 16.89 4.68 -2.22
C LYS B 62 16.05 3.76 -3.09
N LEU B 63 16.68 2.82 -3.80
CA LEU B 63 15.92 1.87 -4.60
C LEU B 63 15.12 0.92 -3.70
N ARG B 64 15.70 0.51 -2.56
CA ARG B 64 14.95 -0.32 -1.63
C ARG B 64 13.66 0.37 -1.19
N TRP B 65 13.74 1.68 -0.92
CA TRP B 65 12.56 2.41 -0.48
C TRP B 65 11.45 2.27 -1.49
N LEU B 66 11.77 2.46 -2.77
CA LEU B 66 10.76 2.40 -3.83
C LEU B 66 10.20 0.99 -3.99
N VAL B 67 11.08 -0.02 -4.00
CA VAL B 67 10.62 -1.38 -4.24
C VAL B 67 9.76 -1.86 -3.07
N GLU B 68 10.16 -1.53 -1.84
CA GLU B 68 9.39 -1.98 -0.69
C GLU B 68 8.00 -1.38 -0.66
N ARG B 69 7.79 -0.24 -1.30
CA ARG B 69 6.49 0.40 -1.34
C ARG B 69 5.72 0.11 -2.61
N GLY B 70 6.22 -0.80 -3.45
CA GLY B 70 5.48 -1.23 -4.61
C GLY B 70 5.56 -0.31 -5.81
N TYR B 71 6.36 0.76 -5.74
CA TYR B 71 6.45 1.65 -6.89
C TYR B 71 7.19 1.01 -8.05
N LEU B 72 7.88 -0.10 -7.81
CA LEU B 72 8.67 -0.77 -8.82
C LEU B 72 8.78 -2.23 -8.41
N GLN B 73 8.51 -3.14 -9.35
CA GLN B 73 8.63 -4.58 -9.12
C GLN B 73 9.65 -5.11 -10.14
N PRO B 74 10.93 -5.11 -9.81
CA PRO B 74 11.94 -5.54 -10.79
C PRO B 74 11.85 -7.02 -11.08
N TYR B 75 12.14 -7.38 -12.34
CA TYR B 75 12.03 -8.76 -12.78
C TYR B 75 12.86 -8.95 -14.04
N GLY B 76 13.19 -10.21 -14.33
CA GLY B 76 13.83 -10.54 -15.60
C GLY B 76 15.22 -9.93 -15.73
N LYS B 77 15.48 -9.31 -16.88
CA LYS B 77 16.76 -8.69 -17.16
C LYS B 77 16.73 -7.24 -16.72
N VAL B 78 17.57 -6.89 -15.74
CA VAL B 78 17.66 -5.54 -15.21
C VAL B 78 18.88 -4.86 -15.84
N ILE B 79 18.66 -3.70 -16.44
CA ILE B 79 19.74 -2.85 -16.89
C ILE B 79 19.79 -1.62 -15.99
N ASP B 80 20.99 -1.29 -15.51
CA ASP B 80 21.22 -0.22 -14.56
C ASP B 80 22.16 0.79 -15.23
N LEU B 81 21.57 1.84 -15.82
CA LEU B 81 22.34 2.86 -16.50
C LEU B 81 22.89 3.85 -15.48
N GLY B 82 24.18 4.13 -15.57
CA GLY B 82 24.84 4.95 -14.57
C GLY B 82 24.90 4.24 -13.23
N CYS B 83 25.38 3.00 -13.23
CA CYS B 83 25.37 2.18 -12.03
C CYS B 83 26.38 2.64 -10.99
N GLY B 84 27.33 3.50 -11.37
CA GLY B 84 28.36 3.92 -10.42
C GLY B 84 28.98 2.72 -9.73
N ARG B 85 29.10 2.83 -8.40
CA ARG B 85 29.61 1.72 -7.60
C ARG B 85 28.76 0.47 -7.75
N GLY B 86 27.47 0.63 -8.02
CA GLY B 86 26.58 -0.48 -8.27
C GLY B 86 25.53 -0.76 -7.20
N GLY B 87 25.22 0.21 -6.33
CA GLY B 87 24.30 -0.04 -5.24
C GLY B 87 22.94 -0.53 -5.71
N TRP B 88 22.46 0.01 -6.84
CA TRP B 88 21.16 -0.41 -7.35
C TRP B 88 21.23 -1.82 -7.91
N SER B 89 22.33 -2.15 -8.58
CA SER B 89 22.48 -3.47 -9.18
C SER B 89 22.56 -4.56 -8.12
N TYR B 90 23.32 -4.31 -7.05
CA TYR B 90 23.44 -5.33 -6.00
C TYR B 90 22.12 -5.55 -5.29
N TYR B 91 21.35 -4.48 -5.06
CA TYR B 91 20.03 -4.65 -4.48
C TYR B 91 19.11 -5.37 -5.46
N ALA B 92 19.14 -4.97 -6.73
CA ALA B 92 18.31 -5.63 -7.74
C ALA B 92 18.59 -7.13 -7.77
N ALA B 93 19.85 -7.52 -7.61
CA ALA B 93 20.23 -8.92 -7.72
C ALA B 93 19.61 -9.79 -6.64
N THR B 94 19.15 -9.20 -5.53
CA THR B 94 18.56 -9.97 -4.44
C THR B 94 17.08 -10.24 -4.63
N ILE B 95 16.44 -9.62 -5.63
CA ILE B 95 15.00 -9.76 -5.81
C ILE B 95 14.73 -11.06 -6.56
N ARG B 96 13.80 -11.86 -6.06
CA ARG B 96 13.64 -13.23 -6.55
C ARG B 96 13.33 -13.25 -8.04
N LYS B 97 12.46 -12.36 -8.50
CA LYS B 97 12.04 -12.40 -9.89
C LYS B 97 13.08 -11.85 -10.84
N VAL B 98 14.13 -11.22 -10.34
CA VAL B 98 15.22 -10.73 -11.19
C VAL B 98 16.08 -11.92 -11.60
N GLN B 99 16.38 -12.01 -12.90
CA GLN B 99 17.16 -13.11 -13.44
C GLN B 99 18.59 -12.70 -13.75
N GLU B 100 18.83 -11.43 -14.03
CA GLU B 100 20.12 -10.99 -14.54
C GLU B 100 20.18 -9.47 -14.40
N VAL B 101 21.36 -8.96 -14.05
CA VAL B 101 21.57 -7.52 -13.87
C VAL B 101 22.80 -7.11 -14.64
N LYS B 102 22.65 -6.11 -15.51
CA LYS B 102 23.77 -5.56 -16.27
C LYS B 102 23.82 -4.06 -16.02
N GLY B 103 24.86 -3.60 -15.35
CA GLY B 103 25.03 -2.19 -15.02
C GLY B 103 26.12 -1.58 -15.89
N TYR B 104 25.93 -0.32 -16.25
CA TYR B 104 26.85 0.40 -17.12
C TYR B 104 27.13 1.77 -16.52
N THR B 105 28.41 2.13 -16.41
CA THR B 105 28.79 3.40 -15.85
C THR B 105 29.97 3.98 -16.62
N LYS B 106 30.07 5.31 -16.61
CA LYS B 106 31.11 5.98 -17.37
C LYS B 106 32.48 5.70 -16.77
N GLY B 107 32.59 5.85 -15.46
CA GLY B 107 33.86 5.64 -14.78
C GLY B 107 34.84 6.75 -15.11
N GLY B 108 36.10 6.48 -14.78
CA GLY B 108 37.16 7.42 -15.02
C GLY B 108 37.44 8.30 -13.82
N PRO B 109 38.33 9.28 -13.98
CA PRO B 109 38.66 10.16 -12.85
C PRO B 109 37.47 11.01 -12.44
N GLY B 110 37.29 11.17 -11.14
CA GLY B 110 36.18 11.91 -10.60
C GLY B 110 34.86 11.17 -10.54
N HIS B 111 34.74 10.05 -11.26
CA HIS B 111 33.53 9.27 -11.33
C HIS B 111 33.72 7.94 -10.59
N GLU B 112 32.59 7.35 -10.21
CA GLU B 112 32.62 6.11 -9.43
C GLU B 112 32.90 4.92 -10.34
N GLU B 113 33.73 4.01 -9.86
CA GLU B 113 34.00 2.74 -10.54
C GLU B 113 33.17 1.64 -9.91
N PRO B 114 32.70 0.66 -10.68
CA PRO B 114 31.99 -0.47 -10.07
C PRO B 114 32.78 -1.12 -8.94
N MET B 115 32.10 -1.36 -7.82
CA MET B 115 32.67 -2.12 -6.71
C MET B 115 32.23 -3.57 -6.84
N LEU B 116 33.17 -4.50 -6.67
CA LEU B 116 32.89 -5.92 -6.77
C LEU B 116 32.77 -6.50 -5.37
N VAL B 117 31.55 -6.88 -4.99
CA VAL B 117 31.31 -7.54 -3.70
C VAL B 117 30.46 -8.77 -3.97
N GLN B 118 30.48 -9.68 -2.99
CA GLN B 118 29.77 -10.94 -3.15
C GLN B 118 28.52 -10.99 -2.26
N SER B 119 27.62 -10.04 -2.49
CA SER B 119 26.30 -10.06 -1.88
C SER B 119 25.41 -11.06 -2.62
N TYR B 120 24.33 -11.49 -1.95
CA TYR B 120 23.41 -12.47 -2.52
C TYR B 120 23.08 -12.13 -3.96
N GLY B 121 23.32 -13.09 -4.87
CA GLY B 121 23.04 -12.89 -6.28
C GLY B 121 24.12 -12.16 -7.04
N TRP B 122 25.29 -11.94 -6.45
CA TRP B 122 26.36 -11.24 -7.14
C TRP B 122 26.73 -11.94 -8.45
N ASN B 123 26.52 -13.25 -8.54
CA ASN B 123 26.97 -14.01 -9.70
C ASN B 123 26.15 -13.77 -10.95
N ILE B 124 25.00 -13.11 -10.84
CA ILE B 124 24.19 -12.74 -12.00
C ILE B 124 24.38 -11.27 -12.37
N VAL B 125 25.40 -10.61 -11.82
CA VAL B 125 25.64 -9.19 -12.05
C VAL B 125 26.91 -9.07 -12.88
N ARG B 126 26.89 -8.17 -13.87
CA ARG B 126 28.10 -7.73 -14.57
C ARG B 126 28.07 -6.22 -14.68
N LEU B 127 29.05 -5.57 -14.07
CA LEU B 127 29.15 -4.11 -14.06
C LEU B 127 30.28 -3.69 -14.99
N LYS B 128 29.95 -2.85 -15.97
CA LYS B 128 30.88 -2.45 -17.01
C LYS B 128 31.16 -0.95 -16.87
N SER B 129 32.43 -0.61 -16.68
CA SER B 129 32.86 0.78 -16.66
C SER B 129 33.31 1.20 -18.06
N GLY B 130 33.59 2.50 -18.20
CA GLY B 130 34.03 3.03 -19.46
C GLY B 130 32.96 3.16 -20.52
N VAL B 131 31.68 3.15 -20.13
CA VAL B 131 30.57 3.19 -21.06
C VAL B 131 29.87 4.53 -20.93
N ASP B 132 29.85 5.30 -22.01
CA ASP B 132 29.04 6.52 -22.11
C ASP B 132 27.66 6.11 -22.61
N VAL B 133 26.68 6.07 -21.70
CA VAL B 133 25.36 5.56 -22.06
C VAL B 133 24.68 6.44 -23.08
N PHE B 134 25.06 7.71 -23.19
CA PHE B 134 24.51 8.55 -24.25
C PHE B 134 24.99 8.12 -25.62
N HIS B 135 26.01 7.27 -25.70
CA HIS B 135 26.47 6.73 -26.98
C HIS B 135 26.30 5.21 -27.05
N MET B 136 25.58 4.61 -26.10
CA MET B 136 25.32 3.18 -26.12
C MET B 136 24.01 2.90 -26.85
N ALA B 137 24.03 1.88 -27.69
CA ALA B 137 22.80 1.45 -28.34
C ALA B 137 21.87 0.83 -27.30
N ALA B 138 20.60 1.21 -27.37
CA ALA B 138 19.62 0.65 -26.45
C ALA B 138 19.46 -0.84 -26.74
N GLU B 139 19.26 -1.62 -25.69
CA GLU B 139 19.26 -3.08 -25.79
C GLU B 139 18.13 -3.65 -24.92
N PRO B 140 17.92 -4.97 -24.88
CA PRO B 140 16.70 -5.49 -24.29
C PRO B 140 16.78 -5.42 -22.78
N CYS B 141 15.62 -5.22 -22.17
CA CYS B 141 15.53 -5.27 -20.73
C CYS B 141 14.07 -5.41 -20.32
N ASP B 142 13.86 -6.02 -19.16
CA ASP B 142 12.57 -6.11 -18.50
C ASP B 142 12.36 -4.99 -17.52
N THR B 143 13.43 -4.61 -16.84
CA THR B 143 13.45 -3.54 -15.85
C THR B 143 14.52 -2.56 -16.25
N LEU B 144 14.16 -1.29 -16.38
CA LEU B 144 15.07 -0.23 -16.77
C LEU B 144 15.33 0.67 -15.57
N LEU B 145 16.60 0.74 -15.15
CA LEU B 145 17.01 1.60 -14.05
C LEU B 145 17.97 2.64 -14.58
N CYS B 146 17.83 3.87 -14.11
CA CYS B 146 18.71 4.95 -14.51
C CYS B 146 18.75 5.97 -13.38
N ASP B 147 19.95 6.25 -12.87
CA ASP B 147 20.15 7.14 -11.74
C ASP B 147 21.10 8.27 -12.13
N ILE B 148 20.93 8.81 -13.34
CA ILE B 148 21.85 9.80 -13.90
C ILE B 148 21.24 11.19 -13.78
N GLY B 149 22.08 12.15 -13.42
CA GLY B 149 21.78 13.57 -13.47
C GLY B 149 22.54 14.27 -12.37
N GLU B 150 23.40 15.20 -12.76
CA GLU B 150 24.31 15.85 -11.85
C GLU B 150 23.73 17.18 -11.40
N SER B 151 23.74 17.41 -10.09
CA SER B 151 23.18 18.64 -9.55
C SER B 151 23.95 19.87 -10.05
N SER B 152 23.23 20.97 -10.19
CA SER B 152 23.82 22.23 -10.61
C SER B 152 23.09 23.37 -9.94
N SER B 153 23.82 24.44 -9.63
CA SER B 153 23.19 25.63 -9.08
C SER B 153 22.29 26.32 -10.09
N SER B 154 22.45 26.03 -11.38
CA SER B 154 21.59 26.61 -12.41
C SER B 154 20.38 25.72 -12.64
N PRO B 155 19.15 26.21 -12.50
CA PRO B 155 17.99 25.37 -12.84
C PRO B 155 17.90 25.07 -14.32
N GLU B 156 18.36 25.98 -15.19
CA GLU B 156 18.40 25.68 -16.62
C GLU B 156 19.33 24.51 -16.90
N VAL B 157 20.49 24.47 -16.25
CA VAL B 157 21.40 23.35 -16.44
C VAL B 157 20.75 22.05 -15.97
N GLU B 158 20.09 22.07 -14.82
CA GLU B 158 19.41 20.88 -14.34
C GLU B 158 18.35 20.43 -15.33
N GLU B 159 17.54 21.38 -15.83
CA GLU B 159 16.55 21.02 -16.84
C GLU B 159 17.21 20.45 -18.08
N ALA B 160 18.29 21.08 -18.56
CA ALA B 160 18.92 20.62 -19.79
C ALA B 160 19.50 19.22 -19.61
N ARG B 161 20.12 18.95 -18.46
CA ARG B 161 20.63 17.61 -18.19
C ARG B 161 19.50 16.59 -18.07
N THR B 162 18.40 16.99 -17.43
CA THR B 162 17.27 16.06 -17.28
C THR B 162 16.68 15.70 -18.64
N LEU B 163 16.52 16.69 -19.52
CA LEU B 163 15.96 16.42 -20.84
C LEU B 163 16.87 15.48 -21.63
N ARG B 164 18.18 15.63 -21.47
CA ARG B 164 19.13 14.76 -22.14
C ARG B 164 18.97 13.31 -21.69
N VAL B 165 18.91 13.08 -20.38
CA VAL B 165 18.65 11.74 -19.86
C VAL B 165 17.35 11.20 -20.42
N LEU B 166 16.29 12.01 -20.43
CA LEU B 166 14.99 11.52 -20.82
C LEU B 166 14.93 11.18 -22.30
N SER B 167 15.67 11.90 -23.14
CA SER B 167 15.72 11.53 -24.54
C SER B 167 16.50 10.24 -24.73
N MET B 168 17.56 10.05 -23.93
CA MET B 168 18.33 8.82 -23.98
C MET B 168 17.51 7.64 -23.46
N VAL B 169 16.83 7.82 -22.33
CA VAL B 169 15.99 6.77 -21.76
C VAL B 169 14.89 6.36 -22.73
N GLY B 170 14.39 7.29 -23.53
CA GLY B 170 13.31 6.98 -24.45
C GLY B 170 13.65 5.78 -25.33
N ASP B 171 14.86 5.74 -25.86
CA ASP B 171 15.27 4.64 -26.73
C ASP B 171 15.15 3.29 -26.01
N TRP B 172 15.48 3.26 -24.72
CA TRP B 172 15.36 2.03 -23.94
C TRP B 172 13.90 1.68 -23.67
N LEU B 173 13.09 2.68 -23.33
CA LEU B 173 11.68 2.43 -23.09
C LEU B 173 10.96 1.93 -24.34
N GLU B 174 11.52 2.18 -25.52
CA GLU B 174 10.91 1.68 -26.74
C GLU B 174 11.00 0.16 -26.85
N LYS B 175 11.89 -0.46 -26.09
CA LYS B 175 11.90 -1.91 -25.93
C LYS B 175 10.82 -2.41 -24.98
N ARG B 176 10.01 -1.51 -24.41
CA ARG B 176 8.85 -1.90 -23.59
C ARG B 176 9.25 -2.74 -22.39
N PRO B 177 10.12 -2.27 -21.52
CA PRO B 177 10.29 -2.94 -20.23
C PRO B 177 9.02 -2.79 -19.42
N GLY B 178 8.74 -3.79 -18.58
CA GLY B 178 7.56 -3.75 -17.75
C GLY B 178 7.70 -3.03 -16.44
N ALA B 179 8.94 -2.66 -16.09
CA ALA B 179 9.20 -1.92 -14.87
C ALA B 179 10.32 -0.93 -15.13
N PHE B 180 10.25 0.24 -14.51
CA PHE B 180 11.32 1.21 -14.71
C PHE B 180 11.39 2.17 -13.52
N CYS B 181 12.59 2.71 -13.34
CA CYS B 181 12.89 3.67 -12.29
C CYS B 181 13.96 4.61 -12.86
N ILE B 182 13.56 5.84 -13.15
CA ILE B 182 14.40 6.81 -13.85
C ILE B 182 14.49 8.07 -13.00
N LYS B 183 15.69 8.40 -12.54
CA LYS B 183 15.92 9.65 -11.84
C LYS B 183 15.58 10.84 -12.73
N VAL B 184 14.80 11.78 -12.18
CA VAL B 184 14.47 13.04 -12.83
C VAL B 184 15.09 14.14 -11.98
N LEU B 185 16.27 14.62 -12.37
CA LEU B 185 16.98 15.61 -11.56
C LEU B 185 16.12 16.85 -11.33
N CYS B 186 15.49 17.36 -12.40
CA CYS B 186 14.77 18.63 -12.36
C CYS B 186 13.34 18.43 -12.85
N PRO B 187 12.40 18.14 -11.95
CA PRO B 187 10.98 18.05 -12.33
C PRO B 187 10.16 19.32 -12.09
N TYR B 188 10.77 20.40 -11.59
CA TYR B 188 10.02 21.45 -10.91
C TYR B 188 9.75 22.68 -11.78
N THR B 189 10.20 22.71 -13.03
CA THR B 189 9.87 23.82 -13.91
C THR B 189 8.59 23.52 -14.65
N SER B 190 7.91 24.59 -15.09
CA SER B 190 6.66 24.44 -15.84
C SER B 190 6.88 23.56 -17.06
N THR B 191 8.00 23.74 -17.76
CA THR B 191 8.28 22.96 -18.96
C THR B 191 8.58 21.50 -18.62
N MET B 192 9.27 21.24 -17.51
CA MET B 192 9.58 19.87 -17.14
C MET B 192 8.33 19.11 -16.73
N MET B 193 7.42 19.77 -16.02
CA MET B 193 6.16 19.12 -15.64
C MET B 193 5.35 18.74 -16.87
N GLU B 194 5.25 19.64 -17.86
CA GLU B 194 4.53 19.29 -19.07
C GLU B 194 5.23 18.16 -19.82
N THR B 195 6.56 18.16 -19.82
CA THR B 195 7.30 17.08 -20.47
C THR B 195 6.99 15.75 -19.82
N LEU B 196 6.90 15.73 -18.48
CA LEU B 196 6.69 14.48 -17.77
C LEU B 196 5.23 14.06 -17.81
N GLU B 197 4.30 15.00 -17.99
CA GLU B 197 2.92 14.65 -18.28
C GLU B 197 2.82 13.97 -19.65
N ARG B 198 3.52 14.48 -20.65
CA ARG B 198 3.56 13.84 -21.95
C ARG B 198 4.15 12.43 -21.84
N LEU B 199 5.28 12.30 -21.13
CA LEU B 199 5.91 11.00 -20.98
C LEU B 199 5.04 10.05 -20.16
N GLN B 200 4.33 10.58 -19.16
CA GLN B 200 3.42 9.74 -18.40
C GLN B 200 2.26 9.23 -19.25
N ARG B 201 1.78 10.04 -20.18
CA ARG B 201 0.70 9.60 -21.06
C ARG B 201 1.18 8.51 -22.01
N ARG B 202 2.43 8.60 -22.46
CA ARG B 202 2.96 7.65 -23.43
C ARG B 202 3.48 6.37 -22.76
N TYR B 203 4.13 6.49 -21.59
CA TYR B 203 4.78 5.36 -20.96
C TYR B 203 4.22 4.98 -19.60
N GLY B 204 3.29 5.76 -19.06
CA GLY B 204 2.78 5.48 -17.73
C GLY B 204 3.75 5.90 -16.64
N GLY B 205 3.60 5.26 -15.48
CA GLY B 205 4.40 5.59 -14.33
C GLY B 205 3.98 6.91 -13.69
N GLY B 206 4.73 7.31 -12.67
CA GLY B 206 4.54 8.59 -12.02
C GLY B 206 5.80 8.99 -11.31
N LEU B 207 5.79 10.18 -10.72
CA LEU B 207 6.94 10.71 -10.01
C LEU B 207 6.78 10.51 -8.51
N VAL B 208 7.84 10.05 -7.87
CA VAL B 208 7.85 9.78 -6.44
C VAL B 208 9.10 10.42 -5.85
N ARG B 209 8.91 11.16 -4.75
CA ARG B 209 10.02 11.71 -3.98
C ARG B 209 10.44 10.69 -2.93
N VAL B 210 11.71 10.29 -2.98
CA VAL B 210 12.27 9.38 -1.99
C VAL B 210 12.79 10.23 -0.83
N PRO B 211 12.34 9.98 0.41
CA PRO B 211 12.68 10.90 1.51
C PRO B 211 14.11 10.79 2.01
N LEU B 212 14.87 9.81 1.52
CA LEU B 212 16.30 9.73 1.77
C LEU B 212 17.08 10.78 0.99
N SER B 213 16.46 11.39 -0.02
CA SER B 213 17.08 12.49 -0.74
C SER B 213 17.29 13.69 0.18
N ARG B 214 18.42 14.37 0.01
CA ARG B 214 18.67 15.59 0.76
C ARG B 214 17.78 16.73 0.29
N ASN B 215 17.54 17.68 1.18
CA ASN B 215 16.75 18.86 0.85
C ASN B 215 17.47 19.76 -0.14
N SER B 216 18.76 19.53 -0.36
CA SER B 216 19.54 20.29 -1.34
C SER B 216 19.34 19.82 -2.78
N THR B 217 18.51 18.81 -3.03
CA THR B 217 18.14 18.41 -4.39
C THR B 217 16.64 18.18 -4.49
N HIS B 218 16.06 18.59 -5.61
CA HIS B 218 14.66 18.36 -5.89
C HIS B 218 14.43 17.07 -6.68
N GLU B 219 15.44 16.21 -6.73
CA GLU B 219 15.35 15.00 -7.55
C GLU B 219 14.13 14.17 -7.15
N MET B 220 13.47 13.62 -8.15
CA MET B 220 12.39 12.66 -7.99
C MET B 220 12.61 11.52 -8.98
N TYR B 221 11.94 10.41 -8.73
CA TYR B 221 12.17 9.19 -9.50
C TYR B 221 10.91 8.82 -10.27
N TRP B 222 11.05 8.69 -11.59
CA TRP B 222 9.96 8.28 -12.46
C TRP B 222 9.86 6.77 -12.40
N VAL B 223 8.79 6.27 -11.79
CA VAL B 223 8.65 4.85 -11.50
C VAL B 223 7.36 4.33 -12.13
N SER B 224 7.42 3.11 -12.65
CA SER B 224 6.31 2.52 -13.39
C SER B 224 5.14 2.17 -12.47
N GLY B 225 5.39 1.93 -11.19
CA GLY B 225 4.34 1.59 -10.25
C GLY B 225 3.54 2.76 -9.71
N ALA B 226 3.93 3.98 -10.03
CA ALA B 226 3.24 5.16 -9.55
C ALA B 226 2.18 5.60 -10.56
N LYS B 227 1.15 6.28 -10.03
CA LYS B 227 0.04 6.77 -10.84
C LYS B 227 -0.23 8.25 -10.65
N SER B 228 0.40 8.88 -9.68
CA SER B 228 -0.01 10.21 -9.23
C SER B 228 -0.02 11.24 -10.36
N ASN B 229 -0.89 12.24 -10.19
CA ASN B 229 -0.84 13.44 -11.02
C ASN B 229 0.53 14.08 -10.91
N THR B 230 1.13 14.40 -12.06
CA THR B 230 2.51 14.88 -12.07
C THR B 230 2.63 16.20 -11.32
N ILE B 231 1.77 17.17 -11.64
CA ILE B 231 1.86 18.47 -11.00
C ILE B 231 1.67 18.35 -9.50
N LYS B 232 0.72 17.53 -9.07
CA LYS B 232 0.48 17.35 -7.64
C LYS B 232 1.72 16.81 -6.94
N SER B 233 2.29 15.72 -7.47
CA SER B 233 3.47 15.12 -6.86
CA SER B 233 3.47 15.12 -6.86
C SER B 233 4.61 16.12 -6.77
N VAL B 234 4.90 16.81 -7.87
CA VAL B 234 6.02 17.76 -7.91
C VAL B 234 5.76 18.92 -6.95
N SER B 235 4.55 19.48 -7.00
CA SER B 235 4.26 20.65 -6.18
C SER B 235 4.24 20.29 -4.70
N THR B 236 3.76 19.10 -4.36
CA THR B 236 3.84 18.64 -2.97
C THR B 236 5.29 18.61 -2.49
N THR B 237 6.18 18.04 -3.29
CA THR B 237 7.59 18.00 -2.92
C THR B 237 8.18 19.39 -2.84
N SER B 238 7.85 20.25 -3.81
CA SER B 238 8.33 21.63 -3.74
C SER B 238 7.84 22.30 -2.46
N GLN B 239 6.58 22.06 -2.08
CA GLN B 239 6.04 22.62 -0.84
C GLN B 239 6.83 22.14 0.38
N LEU B 240 7.06 20.83 0.48
CA LEU B 240 7.81 20.29 1.60
C LEU B 240 9.20 20.93 1.72
N LEU B 241 9.92 21.06 0.60
CA LEU B 241 11.30 21.52 0.66
C LEU B 241 11.40 22.96 1.15
N LEU B 242 10.51 23.85 0.68
CA LEU B 242 10.58 25.23 1.18
C LEU B 242 10.23 25.28 2.66
N GLY B 243 9.21 24.54 3.08
CA GLY B 243 8.82 24.57 4.48
C GLY B 243 9.95 24.22 5.41
N ARG B 244 10.85 23.33 4.99
CA ARG B 244 12.00 22.96 5.79
C ARG B 244 13.05 24.05 5.85
N MET B 245 12.95 25.06 4.98
CA MET B 245 13.82 26.23 5.06
C MET B 245 13.45 27.17 6.20
N ASP B 246 12.23 27.06 6.72
CA ASP B 246 11.75 27.92 7.79
C ASP B 246 11.77 27.20 9.13
N GLY B 247 11.80 27.99 10.20
CA GLY B 247 11.65 27.44 11.54
C GLY B 247 12.85 26.66 11.99
N PRO B 248 12.71 25.90 13.07
CA PRO B 248 13.85 25.12 13.57
C PRO B 248 14.09 23.91 12.68
N ARG B 249 15.32 23.43 12.73
CA ARG B 249 15.66 22.23 11.97
C ARG B 249 15.00 21.01 12.59
N ARG B 250 14.66 20.07 11.75
CA ARG B 250 13.93 18.90 12.17
C ARG B 250 14.83 17.68 12.22
N PRO B 251 14.56 16.74 13.13
CA PRO B 251 15.48 15.62 13.35
C PRO B 251 15.43 14.60 12.24
N VAL B 252 16.57 13.93 12.02
CA VAL B 252 16.64 12.85 11.06
C VAL B 252 15.72 11.71 11.47
N LYS B 253 15.09 11.08 10.48
CA LYS B 253 14.27 9.90 10.65
C LYS B 253 15.02 8.70 10.09
N TYR B 254 15.18 7.65 10.90
CA TYR B 254 16.05 6.53 10.57
C TYR B 254 15.27 5.31 10.10
N GLU B 255 15.87 4.58 9.15
CA GLU B 255 15.49 3.20 8.90
C GLU B 255 16.71 2.30 9.07
N GLU B 256 16.46 0.99 9.17
CA GLU B 256 17.56 0.05 9.34
C GLU B 256 18.38 -0.09 8.06
N ASP B 257 19.66 -0.39 8.22
CA ASP B 257 20.55 -0.54 7.09
C ASP B 257 20.17 -1.74 6.24
N VAL B 258 20.49 -1.65 4.95
CA VAL B 258 20.17 -2.70 3.99
CA VAL B 258 20.16 -2.72 4.01
C VAL B 258 21.19 -3.82 4.15
N ASN B 259 20.71 -5.04 4.41
CA ASN B 259 21.56 -6.22 4.45
C ASN B 259 21.20 -7.10 3.27
N LEU B 260 22.07 -7.12 2.27
CA LEU B 260 21.83 -7.87 1.05
C LEU B 260 22.31 -9.32 1.13
N GLY B 261 22.83 -9.74 2.27
CA GLY B 261 23.23 -11.13 2.45
C GLY B 261 24.47 -11.49 1.65
N SER B 262 24.59 -12.78 1.39
CA SER B 262 25.71 -13.33 0.64
C SER B 262 25.25 -14.61 -0.04
N GLY B 263 26.17 -15.24 -0.76
CA GLY B 263 25.89 -16.43 -1.53
C GLY B 263 25.57 -16.10 -2.98
N THR B 264 25.37 -17.16 -3.75
CA THR B 264 25.06 -17.05 -5.17
C THR B 264 23.59 -17.40 -5.43
N ARG B 265 23.17 -17.13 -6.67
CA ARG B 265 21.85 -17.55 -7.13
C ARG B 265 21.99 -18.55 -8.26
N SFG C . -18.34 -12.82 7.95
CA SFG C . -18.66 -13.87 8.90
C SFG C . -20.19 -13.91 9.15
O SFG C . -20.67 -14.78 9.87
OXT SFG C . -20.96 -13.03 8.59
CB SFG C . -17.90 -13.66 10.20
CG SFG C . -16.37 -13.88 9.92
CD SFG C . -15.63 -14.22 11.18
NE SFG C . -15.60 -13.07 12.01
C5' SFG C . -14.14 -14.64 10.81
C4' SFG C . -14.06 -16.18 10.55
O4' SFG C . -12.95 -16.48 9.95
C3' SFG C . -14.04 -16.90 11.92
O3' SFG C . -15.02 -17.84 11.96
C2' SFG C . -12.66 -17.54 11.98
O2' SFG C . -12.71 -18.83 12.77
C1' SFG C . -12.34 -17.75 10.72
N9 SFG C . -10.89 -17.85 10.49
C8 SFG C . -9.89 -17.22 11.16
N7 SFG C . -8.73 -17.58 10.62
C5 SFG C . -8.99 -18.43 9.62
C6 SFG C . -8.15 -19.10 8.76
N6 SFG C . -6.69 -19.09 8.65
N1 SFG C . -8.63 -19.91 7.84
C2 SFG C . -9.99 -20.08 7.76
N3 SFG C . -10.82 -19.41 8.61
C4 SFG C . -10.32 -18.60 9.54
HN1 SFG C . -18.89 -12.87 7.25
HN2 SFG C . -18.44 -12.02 8.34
HA SFG C . -18.38 -14.73 8.52
HB1 SFG C . -18.21 -14.30 10.86
HB2 SFG C . -18.05 -12.76 10.52
HG1 SFG C . -15.99 -13.07 9.54
HG2 SFG C . -16.26 -14.61 9.29
HD SFG C . -16.08 -14.95 11.64
HNE1 SFG C . -15.29 -12.38 11.55
HNE2 SFG C . -16.43 -12.89 12.29
H5'1 SFG C . -13.55 -14.41 11.55
H5'2 SFG C . -13.85 -14.17 10.02
H4' SFG C . -14.82 -16.47 10.04
H3' SFG C . -14.15 -16.27 12.64
HO3' SFG C . -14.68 -18.61 11.88
H2' SFG C . -12.03 -16.93 12.38
HO2' SFG C . -13.02 -19.46 12.28
H1' SFG C . -12.78 -18.56 10.41
H8 SFG C . -10.00 -16.62 11.87
HN61 SFG C . -6.31 -19.48 8.00
HN62 SFG C . -6.22 -18.68 9.25
H2 SFG C . -10.35 -20.64 7.11
CL CL D . -10.80 -14.14 12.64
N SFG E . 22.49 4.29 -8.66
CA SFG E . 23.92 4.34 -8.32
C SFG E . 24.16 3.50 -7.04
O SFG E . 25.29 3.40 -6.58
OXT SFG E . 23.17 2.91 -6.46
CB SFG E . 24.38 5.77 -8.14
CG SFG E . 24.41 6.42 -9.57
CD SFG E . 25.09 7.75 -9.58
NE SFG E . 24.39 8.66 -8.78
C5' SFG E . 25.12 8.26 -11.10
C4' SFG E . 26.25 7.54 -11.88
O4' SFG E . 26.07 7.69 -13.16
C3' SFG E . 27.62 8.18 -11.55
O3' SFG E . 28.49 7.23 -11.10
C2' SFG E . 28.11 8.76 -12.87
O2' SFG E . 29.61 8.63 -12.99
C1' SFG E . 27.51 8.03 -13.77
N9 SFG E . 27.35 8.70 -15.07
C8 SFG E . 27.20 10.02 -15.36
N7 SFG E . 27.09 10.13 -16.68
C5 SFG E . 27.17 8.90 -17.22
C6 SFG E . 27.11 8.46 -18.52
N6 SFG E . 26.95 9.16 -19.79
N1 SFG E . 27.23 7.17 -18.77
C2 SFG E . 27.40 6.30 -17.75
N3 SFG E . 27.44 6.73 -16.47
C4 SFG E . 27.33 8.03 -16.21
HN1 SFG E . 22.39 3.98 -9.48
HN2 SFG E . 22.07 3.77 -8.07
HA SFG E . 24.42 3.94 -9.05
HB1 SFG E . 25.26 5.77 -7.75
HB2 SFG E . 23.75 6.24 -7.57
HG1 SFG E . 23.50 6.54 -9.88
HG2 SFG E . 24.88 5.82 -10.17
HD SFG E . 26.00 7.65 -9.24
HNE1 SFG E . 24.36 9.46 -9.19
HNE2 SFG E . 24.79 8.76 -7.99
H5'1 SFG E . 25.27 9.22 -11.11
H5'2 SFG E . 24.26 8.06 -11.51
H4' SFG E . 26.27 6.59 -11.67
H3' SFG E . 27.51 8.87 -10.89
H2' SFG E . 27.83 9.69 -12.95
HO2' SFG E . 29.94 8.43 -12.23
H1' SFG E . 28.00 7.20 -13.89
H8 SFG E . 27.17 10.71 -14.75
HN61 SFG E . 27.17 8.77 -20.53
HN62 SFG E . 26.64 9.96 -19.80
H2 SFG E . 27.47 5.38 -17.92
CL CL F . 24.92 11.82 -12.67
#